data_2C6W
#
_entry.id   2C6W
#
_cell.length_a   109.782
_cell.length_b   187.256
_cell.length_c   51.303
_cell.angle_alpha   90.00
_cell.angle_beta   90.00
_cell.angle_gamma   90.00
#
_symmetry.space_group_name_H-M   'C 2 2 21'
#
loop_
_entity.id
_entity.type
_entity.pdbx_description
1 polymer 'PENICILLIN-BINDING PROTEIN 1A'
2 polymer 'PENICILLIN-BINDING PROTEIN 1A'
3 non-polymer 'ZINC ION'
4 non-polymer 'CHLORIDE ION'
5 water water
#
loop_
_entity_poly.entity_id
_entity_poly.type
_entity_poly.pdbx_seq_one_letter_code
_entity_poly.pdbx_strand_id
1 'polypeptide(L)' TSSKIYDNKNQLIADL A
2 'polypeptide(L)'
;NYPAYMDNYLKEVINQVEEETGYNLLTTGMDVYTNVDQEAQKHLWDIYNTDEYVAYPDDELQVASTIVDVSNGKVIAQLG
ARHQSSNVSFGINQAVETNRDWGSTMKPITDYAPALEYGVYDSTATIVHDEPYNYPGTNTPVYNWDRGYFGNITLQYALQ
QSRNVPAVETLNKVGLNRAKTFLNGLGIDYPSIHYSNAISSNTTESDKKYGASSEKMAAAYAAFANGGTYYKPMYIHKVV
FSDGSEKEFSNVGTRAMKETTAYMMTDMMKTVLTYGTGRNAYLAWLPQAGKTGTSNYTDEEIENHIKTSQFVAPDELFAG
YTRKYSMAVWTGYSNRLTPLVGNGLTVAAKVYRSMMTYLSEGSNPEDWNIPEGLYRNGEFVFKN
;
B
#
loop_
_chem_comp.id
_chem_comp.type
_chem_comp.name
_chem_comp.formula
CL non-polymer 'CHLORIDE ION' 'Cl -1'
ZN non-polymer 'ZINC ION' 'Zn 2'
#
# COMPACT_ATOMS: atom_id res chain seq x y z
N THR A 1 26.00 16.93 -19.02
CA THR A 1 25.48 18.32 -18.95
C THR A 1 23.97 18.32 -19.18
N SER A 2 23.50 17.53 -20.13
CA SER A 2 22.06 17.44 -20.40
C SER A 2 21.53 16.02 -20.37
N SER A 3 20.26 15.90 -19.97
CA SER A 3 19.54 14.63 -19.89
C SER A 3 18.06 14.96 -19.91
N LYS A 4 17.35 14.36 -20.87
CA LYS A 4 15.92 14.58 -21.01
C LYS A 4 15.13 13.36 -20.54
N ILE A 5 13.95 13.64 -19.99
CA ILE A 5 13.07 12.61 -19.48
C ILE A 5 11.73 12.70 -20.19
N TYR A 6 11.26 11.55 -20.68
CA TYR A 6 9.98 11.48 -21.38
C TYR A 6 9.02 10.59 -20.62
N ASP A 7 7.75 11.01 -20.53
CA ASP A 7 6.77 10.19 -19.85
C ASP A 7 6.57 8.90 -20.65
N ASN A 8 5.55 8.12 -20.29
CA ASN A 8 5.30 6.86 -20.99
C ASN A 8 4.78 7.10 -22.41
N LYS A 9 4.34 8.33 -22.68
CA LYS A 9 3.85 8.72 -24.00
C LYS A 9 5.00 9.37 -24.75
N ASN A 10 6.22 9.00 -24.35
CA ASN A 10 7.47 9.48 -24.93
C ASN A 10 7.55 10.98 -25.13
N GLN A 11 6.54 11.71 -24.65
CA GLN A 11 6.53 13.15 -24.79
C GLN A 11 7.25 13.86 -23.67
N LEU A 12 8.48 14.28 -23.95
CA LEU A 12 9.34 14.98 -23.00
C LEU A 12 8.55 15.69 -21.92
N ILE A 13 8.92 15.42 -20.67
CA ILE A 13 8.23 16.04 -19.55
C ILE A 13 9.19 16.88 -18.71
N ALA A 14 10.47 16.80 -19.03
CA ALA A 14 11.46 17.57 -18.29
C ALA A 14 12.88 17.40 -18.82
N ASP A 15 13.70 18.43 -18.59
CA ASP A 15 15.10 18.42 -19.01
C ASP A 15 15.97 18.74 -17.79
N LEU A 16 16.86 17.82 -17.47
CA LEU A 16 17.75 17.96 -16.32
C LEU A 16 19.21 17.80 -16.73
N ASN B 1 15.07 22.24 -15.93
CA ASN B 1 13.60 22.53 -16.06
C ASN B 1 12.76 21.27 -15.95
N TYR B 2 11.67 21.36 -15.19
CA TYR B 2 10.74 20.25 -14.98
C TYR B 2 9.57 20.77 -14.15
N PRO B 3 8.37 20.16 -14.31
CA PRO B 3 7.20 20.59 -13.54
C PRO B 3 7.26 20.09 -12.09
N ALA B 4 6.72 20.89 -11.18
CA ALA B 4 6.72 20.55 -9.75
C ALA B 4 5.95 19.28 -9.42
N TYR B 5 4.85 19.05 -10.12
CA TYR B 5 4.04 17.86 -9.89
C TYR B 5 4.81 16.59 -10.23
N MET B 6 6.01 16.73 -10.79
CA MET B 6 6.84 15.57 -11.17
C MET B 6 8.10 15.44 -10.32
N ASP B 7 8.24 16.32 -9.32
CA ASP B 7 9.41 16.30 -8.46
C ASP B 7 9.68 14.91 -7.89
N ASN B 8 8.82 14.45 -6.98
CA ASN B 8 8.96 13.14 -6.35
C ASN B 8 9.27 12.05 -7.34
N TYR B 9 8.42 11.90 -8.36
CA TYR B 9 8.62 10.87 -9.37
C TYR B 9 9.99 10.92 -10.07
N LEU B 10 10.39 12.13 -10.47
CA LEU B 10 11.68 12.31 -11.15
C LEU B 10 12.84 11.92 -10.28
N LYS B 11 12.68 12.11 -8.97
CA LYS B 11 13.72 11.76 -8.02
C LYS B 11 13.94 10.26 -8.05
N GLU B 12 12.85 9.50 -7.93
CA GLU B 12 12.96 8.05 -7.96
C GLU B 12 13.61 7.60 -9.25
N VAL B 13 13.34 8.34 -10.33
CA VAL B 13 13.89 8.03 -11.64
C VAL B 13 15.40 8.14 -11.59
N ILE B 14 15.89 9.30 -11.11
CA ILE B 14 17.33 9.53 -11.03
C ILE B 14 18.05 8.43 -10.25
N ASN B 15 17.41 7.93 -9.20
CA ASN B 15 18.00 6.88 -8.38
C ASN B 15 18.05 5.51 -9.07
N GLN B 16 16.96 5.14 -9.75
CA GLN B 16 16.93 3.83 -10.40
C GLN B 16 18.03 3.72 -11.46
N VAL B 17 18.23 4.79 -12.22
CA VAL B 17 19.26 4.77 -13.25
C VAL B 17 20.61 4.52 -12.61
N GLU B 18 20.89 5.25 -11.54
CA GLU B 18 22.14 5.12 -10.82
C GLU B 18 22.33 3.69 -10.34
N GLU B 19 21.28 3.13 -9.73
CA GLU B 19 21.31 1.77 -9.19
C GLU B 19 21.67 0.69 -10.21
N GLU B 20 21.13 0.81 -11.42
CA GLU B 20 21.41 -0.19 -12.46
C GLU B 20 22.68 0.05 -13.28
N THR B 21 22.86 1.29 -13.73
CA THR B 21 24.02 1.64 -14.56
C THR B 21 25.21 2.14 -13.74
N GLY B 22 24.93 2.92 -12.71
CA GLY B 22 26.00 3.45 -11.88
C GLY B 22 26.27 4.89 -12.22
N TYR B 23 25.57 5.39 -13.23
CA TYR B 23 25.72 6.76 -13.69
C TYR B 23 24.62 7.62 -13.13
N ASN B 24 24.91 8.91 -13.00
CA ASN B 24 23.96 9.88 -12.47
C ASN B 24 23.48 10.73 -13.64
N LEU B 25 22.19 10.68 -13.94
CA LEU B 25 21.66 11.46 -15.07
C LEU B 25 21.91 12.96 -14.91
N LEU B 26 22.34 13.38 -13.73
CA LEU B 26 22.62 14.80 -13.51
C LEU B 26 24.06 15.18 -13.89
N THR B 27 24.95 14.20 -13.87
CA THR B 27 26.35 14.41 -14.22
C THR B 27 26.76 13.40 -15.27
N THR B 28 26.07 13.45 -16.40
CA THR B 28 26.27 12.57 -17.55
C THR B 28 25.08 12.81 -18.45
N GLY B 29 25.31 12.79 -19.76
CA GLY B 29 24.23 13.02 -20.69
C GLY B 29 23.53 11.75 -21.12
N MET B 30 22.20 11.84 -21.18
CA MET B 30 21.37 10.71 -21.60
C MET B 30 19.89 11.05 -21.53
N ASP B 31 19.10 10.34 -22.34
CA ASP B 31 17.66 10.55 -22.37
C ASP B 31 17.04 9.37 -21.64
N VAL B 32 16.05 9.64 -20.79
CA VAL B 32 15.42 8.57 -20.03
C VAL B 32 13.90 8.52 -20.27
N TYR B 33 13.41 7.31 -20.51
CA TYR B 33 11.99 7.12 -20.71
C TYR B 33 11.45 6.41 -19.49
N THR B 34 10.60 7.10 -18.75
CA THR B 34 10.01 6.61 -17.53
C THR B 34 8.67 5.94 -17.79
N ASN B 35 7.95 5.63 -16.71
CA ASN B 35 6.65 4.98 -16.83
C ASN B 35 5.48 5.84 -16.40
N VAL B 36 5.75 7.08 -15.96
CA VAL B 36 4.68 7.96 -15.51
C VAL B 36 3.58 8.26 -16.54
N ASP B 37 2.40 8.57 -16.02
CA ASP B 37 1.26 8.93 -16.84
C ASP B 37 0.93 10.38 -16.48
N GLN B 38 1.49 11.30 -17.24
CA GLN B 38 1.33 12.74 -17.03
C GLN B 38 -0.02 13.23 -16.49
N GLU B 39 -1.10 12.95 -17.22
CA GLU B 39 -2.42 13.40 -16.79
C GLU B 39 -2.74 12.79 -15.43
N ALA B 40 -2.37 11.52 -15.24
CA ALA B 40 -2.60 10.84 -13.97
C ALA B 40 -1.95 11.66 -12.85
N GLN B 41 -0.75 12.14 -13.12
CA GLN B 41 0.02 12.95 -12.19
C GLN B 41 -0.67 14.27 -11.87
N LYS B 42 -1.07 14.99 -12.91
CA LYS B 42 -1.72 16.28 -12.71
C LYS B 42 -3.05 16.04 -12.00
N HIS B 43 -3.66 14.91 -12.31
CA HIS B 43 -4.92 14.55 -11.68
C HIS B 43 -4.64 14.37 -10.19
N LEU B 44 -3.64 13.55 -9.90
CA LEU B 44 -3.22 13.28 -8.54
C LEU B 44 -2.82 14.60 -7.87
N TRP B 45 -2.11 15.45 -8.60
CA TRP B 45 -1.69 16.74 -8.08
C TRP B 45 -2.91 17.57 -7.69
N ASP B 46 -3.95 17.53 -8.53
CA ASP B 46 -5.15 18.29 -8.25
C ASP B 46 -5.88 17.77 -7.04
N ILE B 47 -5.94 16.45 -6.91
CA ILE B 47 -6.63 15.84 -5.76
C ILE B 47 -6.06 16.34 -4.42
N TYR B 48 -4.74 16.27 -4.26
CA TYR B 48 -4.08 16.72 -3.04
C TYR B 48 -4.24 18.21 -2.76
N ASN B 49 -3.76 18.98 -3.74
CA ASN B 49 -3.71 20.43 -3.67
C ASN B 49 -4.96 21.32 -3.83
N THR B 50 -6.01 20.81 -4.49
CA THR B 50 -7.20 21.63 -4.64
C THR B 50 -8.19 21.39 -3.49
N ASP B 51 -9.48 21.65 -3.73
CA ASP B 51 -10.51 21.45 -2.73
C ASP B 51 -11.76 20.99 -3.47
N GLU B 52 -11.57 20.65 -4.74
CA GLU B 52 -12.66 20.20 -5.58
C GLU B 52 -12.92 18.71 -5.48
N TYR B 53 -11.89 17.94 -5.12
CA TYR B 53 -12.04 16.48 -5.03
C TYR B 53 -12.25 15.89 -3.64
N VAL B 54 -11.69 16.52 -2.61
CA VAL B 54 -11.84 16.01 -1.25
C VAL B 54 -11.69 17.09 -0.19
N ALA B 55 -12.43 16.92 0.93
CA ALA B 55 -12.44 17.89 2.02
C ALA B 55 -11.38 17.73 3.10
N TYR B 56 -10.20 18.27 2.85
CA TYR B 56 -9.13 18.18 3.83
C TYR B 56 -9.48 19.05 5.02
N PRO B 57 -9.46 18.46 6.24
CA PRO B 57 -9.78 19.20 7.47
C PRO B 57 -8.90 20.44 7.68
N ASP B 58 -7.88 20.58 6.85
CA ASP B 58 -6.99 21.72 6.91
C ASP B 58 -5.94 21.58 5.84
N ASP B 59 -4.99 22.50 5.79
CA ASP B 59 -3.98 22.48 4.75
C ASP B 59 -2.68 21.82 5.16
N GLU B 60 -2.62 21.37 6.42
CA GLU B 60 -1.43 20.72 6.95
C GLU B 60 -1.43 19.21 6.66
N LEU B 61 -2.55 18.57 7.00
CA LEU B 61 -2.69 17.12 6.78
C LEU B 61 -1.99 16.70 5.49
N GLN B 62 -1.01 15.81 5.62
CA GLN B 62 -0.24 15.32 4.48
C GLN B 62 -0.82 14.06 3.88
N VAL B 63 -0.37 13.76 2.66
CA VAL B 63 -0.83 12.60 1.91
C VAL B 63 0.31 12.14 1.05
N ALA B 64 0.40 10.84 0.83
CA ALA B 64 1.47 10.31 -0.01
C ALA B 64 0.96 8.99 -0.57
N SER B 65 1.41 8.64 -1.77
CA SER B 65 0.96 7.40 -2.38
C SER B 65 1.67 7.01 -3.66
N THR B 66 1.42 5.77 -4.08
CA THR B 66 2.01 5.19 -5.27
C THR B 66 0.94 4.41 -6.02
N ILE B 67 0.90 4.52 -7.34
CA ILE B 67 -0.08 3.77 -8.11
C ILE B 67 0.75 2.88 -8.98
N VAL B 68 0.49 1.58 -8.95
CA VAL B 68 1.28 0.67 -9.74
C VAL B 68 0.46 -0.09 -10.76
N ASP B 69 1.07 -0.42 -11.89
CA ASP B 69 0.41 -1.19 -12.92
C ASP B 69 0.55 -2.63 -12.44
N VAL B 70 -0.52 -3.15 -11.87
CA VAL B 70 -0.55 -4.51 -11.33
C VAL B 70 0.06 -5.59 -12.24
N SER B 71 0.05 -5.35 -13.54
CA SER B 71 0.57 -6.33 -14.48
C SER B 71 2.09 -6.34 -14.70
N ASN B 72 2.81 -5.36 -14.17
CA ASN B 72 4.26 -5.30 -14.43
C ASN B 72 5.12 -4.48 -13.47
N GLY B 73 4.54 -4.05 -12.36
CA GLY B 73 5.29 -3.28 -11.39
C GLY B 73 5.70 -1.89 -11.86
N LYS B 74 5.05 -1.41 -12.93
CA LYS B 74 5.37 -0.08 -13.44
C LYS B 74 4.65 0.95 -12.62
N VAL B 75 5.39 1.96 -12.14
CA VAL B 75 4.77 3.00 -11.33
C VAL B 75 4.27 4.09 -12.29
N ILE B 76 2.98 4.34 -12.26
CA ILE B 76 2.40 5.32 -13.16
C ILE B 76 1.98 6.62 -12.46
N ALA B 77 2.38 6.78 -11.21
CA ALA B 77 2.06 8.00 -10.47
C ALA B 77 2.57 7.88 -9.04
N GLN B 78 3.06 8.99 -8.50
CA GLN B 78 3.58 9.00 -7.15
C GLN B 78 3.64 10.43 -6.68
N LEU B 79 3.08 10.69 -5.52
CA LEU B 79 3.06 12.05 -5.00
C LEU B 79 3.22 12.01 -3.49
N GLY B 80 4.41 12.37 -3.03
CA GLY B 80 4.70 12.34 -1.61
C GLY B 80 4.10 13.40 -0.69
N ALA B 81 3.58 14.50 -1.25
CA ALA B 81 3.02 15.56 -0.39
C ALA B 81 1.95 16.47 -1.01
N ARG B 82 1.33 17.28 -0.16
CA ARG B 82 0.29 18.21 -0.62
C ARG B 82 0.42 19.59 0.07
N HIS B 83 0.30 20.65 -0.74
CA HIS B 83 0.42 22.03 -0.23
C HIS B 83 1.78 22.23 0.43
N GLN B 84 2.75 21.42 0.03
CA GLN B 84 4.09 21.54 0.61
C GLN B 84 5.04 22.12 -0.41
N SER B 85 5.09 23.44 -0.42
CA SER B 85 5.95 24.16 -1.34
C SER B 85 7.16 24.72 -0.62
N SER B 86 8.28 24.78 -1.34
CA SER B 86 9.56 25.27 -0.85
C SER B 86 10.58 24.61 -1.77
N ASN B 87 10.36 24.80 -3.08
CA ASN B 87 11.19 24.20 -4.11
C ASN B 87 12.67 23.99 -3.81
N VAL B 88 12.96 22.78 -3.35
CA VAL B 88 14.30 22.33 -3.04
C VAL B 88 14.47 21.09 -3.91
N SER B 89 13.98 21.20 -5.13
CA SER B 89 14.00 20.14 -6.13
C SER B 89 14.69 18.83 -5.74
N PHE B 90 13.91 17.76 -5.77
CA PHE B 90 14.40 16.41 -5.46
C PHE B 90 14.65 16.13 -3.98
N GLY B 91 13.75 16.60 -3.13
CA GLY B 91 13.90 16.37 -1.70
C GLY B 91 13.34 15.02 -1.27
N ILE B 92 13.14 14.85 0.04
CA ILE B 92 12.62 13.61 0.57
C ILE B 92 11.23 13.24 0.04
N ASN B 93 11.16 12.08 -0.60
CA ASN B 93 9.91 11.58 -1.16
C ASN B 93 9.25 10.60 -0.17
N GLN B 94 8.20 11.07 0.49
CA GLN B 94 7.44 10.30 1.49
C GLN B 94 6.73 9.07 0.94
N ALA B 95 6.72 8.92 -0.38
CA ALA B 95 6.07 7.76 -0.99
C ALA B 95 6.96 6.52 -0.99
N VAL B 96 8.26 6.71 -0.77
CA VAL B 96 9.19 5.60 -0.72
C VAL B 96 9.74 5.40 0.69
N GLU B 97 9.35 6.30 1.59
CA GLU B 97 9.81 6.25 2.97
C GLU B 97 9.07 5.22 3.81
N THR B 98 9.84 4.48 4.60
CA THR B 98 9.28 3.44 5.46
C THR B 98 9.19 3.87 6.92
N ASN B 99 9.45 5.13 7.20
CA ASN B 99 9.42 5.62 8.57
C ASN B 99 8.04 5.74 9.18
N ARG B 100 7.00 5.38 8.45
CA ARG B 100 5.65 5.47 8.98
C ARG B 100 5.00 4.12 9.12
N ASP B 101 4.15 4.01 10.13
CA ASP B 101 3.46 2.77 10.47
C ASP B 101 2.24 2.56 9.60
N TRP B 102 2.21 1.46 8.87
CA TRP B 102 1.07 1.20 8.01
C TRP B 102 -0.06 0.42 8.70
N GLY B 103 0.12 0.15 9.99
CA GLY B 103 -0.89 -0.55 10.76
C GLY B 103 -1.66 -1.68 10.11
N SER B 104 -2.97 -1.66 10.31
CA SER B 104 -3.90 -2.67 9.80
C SER B 104 -3.68 -3.16 8.38
N THR B 105 -3.18 -2.32 7.47
CA THR B 105 -2.99 -2.77 6.09
C THR B 105 -1.96 -3.88 6.03
N MET B 106 -1.31 -4.10 7.16
CA MET B 106 -0.30 -5.13 7.28
C MET B 106 -0.90 -6.54 7.43
N LYS B 107 -2.13 -6.62 7.94
CA LYS B 107 -2.78 -7.90 8.18
C LYS B 107 -2.86 -8.90 7.04
N PRO B 108 -3.37 -8.48 5.89
CA PRO B 108 -3.52 -9.36 4.73
C PRO B 108 -2.26 -10.06 4.20
N ILE B 109 -1.10 -9.40 4.27
CA ILE B 109 0.16 -9.96 3.78
C ILE B 109 1.06 -10.53 4.87
N THR B 110 0.70 -10.32 6.12
CA THR B 110 1.55 -10.82 7.19
C THR B 110 0.96 -12.01 7.93
N ASP B 111 -0.36 -12.04 8.03
CA ASP B 111 -1.01 -13.12 8.76
C ASP B 111 -1.94 -14.00 7.92
N TYR B 112 -2.97 -13.39 7.34
CA TYR B 112 -3.95 -14.14 6.59
C TYR B 112 -3.51 -14.82 5.30
N ALA B 113 -2.76 -14.13 4.45
CA ALA B 113 -2.30 -14.75 3.22
C ALA B 113 -1.43 -15.95 3.57
N PRO B 114 -0.42 -15.76 4.42
CA PRO B 114 0.42 -16.90 4.78
C PRO B 114 -0.45 -18.07 5.29
N ALA B 115 -1.36 -17.75 6.21
CA ALA B 115 -2.23 -18.75 6.81
C ALA B 115 -2.85 -19.63 5.74
N LEU B 116 -3.63 -19.02 4.86
CA LEU B 116 -4.27 -19.75 3.78
C LEU B 116 -3.25 -20.45 2.90
N GLU B 117 -2.18 -19.73 2.57
CA GLU B 117 -1.14 -20.27 1.70
C GLU B 117 -0.40 -21.47 2.30
N TYR B 118 -0.52 -21.67 3.61
CA TYR B 118 0.20 -22.77 4.25
C TYR B 118 -0.64 -23.82 4.98
N GLY B 119 -1.95 -23.81 4.75
CA GLY B 119 -2.79 -24.80 5.40
C GLY B 119 -3.46 -24.45 6.71
N VAL B 120 -2.92 -23.47 7.44
CA VAL B 120 -3.52 -23.09 8.73
C VAL B 120 -5.04 -23.03 8.62
N TYR B 121 -5.53 -22.24 7.66
CA TYR B 121 -6.97 -22.13 7.44
C TYR B 121 -7.27 -22.67 6.05
N ASP B 122 -8.46 -23.22 5.85
CA ASP B 122 -8.82 -23.78 4.55
C ASP B 122 -10.03 -23.12 3.89
N SER B 123 -10.60 -22.12 4.54
CA SER B 123 -11.73 -21.44 3.94
C SER B 123 -11.93 -20.06 4.56
N THR B 124 -12.51 -19.16 3.78
CA THR B 124 -12.76 -17.81 4.26
C THR B 124 -13.85 -17.85 5.30
N ALA B 125 -14.47 -19.03 5.46
CA ALA B 125 -15.53 -19.21 6.43
C ALA B 125 -15.02 -19.82 7.75
N THR B 126 -13.74 -20.20 7.79
CA THR B 126 -13.18 -20.79 8.99
C THR B 126 -13.44 -19.90 10.21
N ILE B 127 -13.73 -20.53 11.35
CA ILE B 127 -13.99 -19.79 12.59
C ILE B 127 -12.70 -19.42 13.29
N VAL B 128 -12.45 -18.13 13.41
CA VAL B 128 -11.26 -17.62 14.05
C VAL B 128 -11.75 -17.13 15.42
N HIS B 129 -10.89 -16.60 16.27
CA HIS B 129 -11.34 -16.19 17.60
C HIS B 129 -11.04 -14.76 18.01
N ASP B 130 -12.08 -14.00 18.37
CA ASP B 130 -11.91 -12.62 18.84
C ASP B 130 -12.40 -12.64 20.27
N GLU B 131 -11.49 -13.05 21.16
CA GLU B 131 -11.77 -13.17 22.60
C GLU B 131 -10.55 -12.57 23.30
N PRO B 132 -10.63 -12.31 24.62
CA PRO B 132 -9.45 -11.75 25.31
C PRO B 132 -8.21 -12.61 25.01
N TYR B 133 -7.08 -11.97 24.72
CA TYR B 133 -5.89 -12.69 24.32
C TYR B 133 -4.63 -11.83 24.50
N ASN B 134 -3.53 -12.44 24.94
CA ASN B 134 -2.29 -11.68 25.11
C ASN B 134 -1.27 -12.04 24.06
N TYR B 135 -0.31 -11.15 23.83
CA TYR B 135 0.70 -11.44 22.85
C TYR B 135 1.38 -12.73 23.29
N PRO B 136 1.65 -13.65 22.36
CA PRO B 136 2.29 -14.91 22.74
C PRO B 136 3.49 -14.78 23.69
N GLY B 137 3.45 -15.60 24.75
CA GLY B 137 4.53 -15.61 25.74
C GLY B 137 4.55 -14.42 26.67
N THR B 138 3.58 -13.51 26.50
CA THR B 138 3.51 -12.30 27.30
C THR B 138 2.12 -12.15 27.94
N ASN B 139 1.99 -11.20 28.86
CA ASN B 139 0.70 -10.94 29.51
C ASN B 139 0.14 -9.59 29.04
N THR B 140 0.60 -9.12 27.89
CA THR B 140 0.10 -7.86 27.36
C THR B 140 -1.09 -8.19 26.47
N PRO B 141 -2.26 -7.67 26.82
CA PRO B 141 -3.48 -7.91 26.06
C PRO B 141 -3.35 -7.35 24.69
N VAL B 142 -3.99 -8.01 23.74
CA VAL B 142 -4.02 -7.53 22.37
C VAL B 142 -5.40 -6.89 22.43
N TYR B 143 -5.46 -5.56 22.34
CA TYR B 143 -6.77 -4.91 22.40
C TYR B 143 -7.33 -4.60 21.03
N ASN B 144 -8.61 -4.84 20.83
CA ASN B 144 -9.23 -4.49 19.56
C ASN B 144 -9.38 -2.96 19.62
N TRP B 145 -9.41 -2.30 18.46
CA TRP B 145 -9.51 -0.84 18.43
C TRP B 145 -10.57 -0.23 19.36
N ASP B 146 -11.66 -0.95 19.60
CA ASP B 146 -12.73 -0.44 20.46
C ASP B 146 -12.84 -1.08 21.84
N ARG B 147 -11.81 -1.82 22.24
CA ARG B 147 -11.80 -2.47 23.55
C ARG B 147 -12.84 -3.55 23.76
N GLY B 148 -13.46 -4.02 22.68
CA GLY B 148 -14.47 -5.06 22.82
C GLY B 148 -14.04 -6.34 22.13
N TYR B 149 -14.87 -7.38 22.26
CA TYR B 149 -14.57 -8.67 21.65
C TYR B 149 -15.82 -9.25 20.99
N PHE B 150 -15.69 -9.71 19.76
CA PHE B 150 -16.80 -10.29 18.97
C PHE B 150 -17.08 -11.77 19.16
N GLY B 151 -16.11 -12.52 19.71
CA GLY B 151 -16.31 -13.95 19.89
C GLY B 151 -15.98 -14.73 18.64
N ASN B 152 -16.61 -15.88 18.43
CA ASN B 152 -16.32 -16.65 17.24
C ASN B 152 -16.90 -15.91 16.04
N ILE B 153 -16.10 -15.75 14.99
CA ILE B 153 -16.55 -15.08 13.76
C ILE B 153 -15.73 -15.67 12.63
N THR B 154 -16.22 -15.54 11.40
CA THR B 154 -15.48 -16.07 10.25
C THR B 154 -14.22 -15.29 9.89
N LEU B 155 -13.31 -15.96 9.19
CA LEU B 155 -12.05 -15.35 8.77
C LEU B 155 -12.40 -14.02 8.14
N GLN B 156 -13.24 -14.08 7.10
CA GLN B 156 -13.71 -12.92 6.37
C GLN B 156 -14.17 -11.76 7.25
N TYR B 157 -15.18 -12.01 8.09
CA TYR B 157 -15.69 -10.98 8.97
C TYR B 157 -14.59 -10.34 9.83
N ALA B 158 -13.66 -11.15 10.33
CA ALA B 158 -12.58 -10.62 11.17
C ALA B 158 -11.65 -9.73 10.33
N LEU B 159 -11.47 -10.09 9.06
CA LEU B 159 -10.63 -9.30 8.18
C LEU B 159 -11.39 -8.05 7.76
N GLN B 160 -12.69 -8.20 7.53
CA GLN B 160 -13.53 -7.10 7.13
C GLN B 160 -13.78 -6.08 8.23
N GLN B 161 -13.75 -6.52 9.49
CA GLN B 161 -13.97 -5.61 10.61
C GLN B 161 -12.66 -5.17 11.24
N SER B 162 -11.55 -5.65 10.66
CA SER B 162 -10.22 -5.34 11.14
C SER B 162 -10.02 -5.59 12.64
N ARG B 163 -10.34 -6.81 13.08
CA ARG B 163 -10.17 -7.20 14.47
C ARG B 163 -8.72 -7.64 14.67
N ASN B 164 -8.08 -7.16 15.73
CA ASN B 164 -6.69 -7.49 16.01
C ASN B 164 -6.47 -8.88 16.55
N VAL B 165 -7.18 -9.23 17.63
CA VAL B 165 -7.02 -10.52 18.26
C VAL B 165 -6.90 -11.69 17.26
N PRO B 166 -7.88 -11.86 16.37
CA PRO B 166 -7.73 -12.98 15.44
C PRO B 166 -6.55 -12.84 14.48
N ALA B 167 -6.01 -11.65 14.35
CA ALA B 167 -4.87 -11.44 13.46
C ALA B 167 -3.55 -11.85 14.10
N VAL B 168 -3.25 -11.35 15.29
CA VAL B 168 -2.01 -11.73 15.96
C VAL B 168 -2.00 -13.24 16.32
N GLU B 169 -3.16 -13.84 16.56
CA GLU B 169 -3.21 -15.27 16.85
C GLU B 169 -2.88 -16.02 15.57
N THR B 170 -3.43 -15.55 14.45
CA THR B 170 -3.16 -16.17 13.16
C THR B 170 -1.64 -16.19 12.89
N LEU B 171 -0.96 -15.09 13.17
CA LEU B 171 0.47 -15.05 12.94
C LEU B 171 1.14 -16.11 13.82
N ASN B 172 0.54 -16.39 14.97
CA ASN B 172 1.12 -17.38 15.86
C ASN B 172 1.09 -18.77 15.26
N LYS B 173 -0.03 -19.11 14.63
CA LYS B 173 -0.20 -20.41 14.01
C LYS B 173 0.60 -20.55 12.71
N VAL B 174 0.85 -19.42 12.05
CA VAL B 174 1.62 -19.46 10.81
C VAL B 174 3.09 -19.61 11.15
N GLY B 175 3.49 -19.02 12.26
CA GLY B 175 4.89 -19.07 12.67
C GLY B 175 5.56 -17.81 12.14
N LEU B 176 6.40 -17.17 12.95
CA LEU B 176 7.05 -15.95 12.53
C LEU B 176 7.98 -16.20 11.36
N ASN B 177 8.77 -17.26 11.46
CA ASN B 177 9.73 -17.63 10.41
C ASN B 177 9.08 -17.75 9.04
N ARG B 178 8.06 -18.60 8.92
CA ARG B 178 7.38 -18.77 7.65
C ARG B 178 6.80 -17.44 7.18
N ALA B 179 6.26 -16.67 8.12
CA ALA B 179 5.65 -15.38 7.83
C ALA B 179 6.64 -14.37 7.29
N LYS B 180 7.80 -14.27 7.93
CA LYS B 180 8.81 -13.33 7.48
C LYS B 180 9.20 -13.71 6.04
N THR B 181 9.32 -15.01 5.80
CA THR B 181 9.67 -15.51 4.46
C THR B 181 8.62 -15.08 3.45
N PHE B 182 7.36 -15.30 3.78
CA PHE B 182 6.27 -14.93 2.90
C PHE B 182 6.29 -13.43 2.63
N LEU B 183 6.67 -12.63 3.62
CA LEU B 183 6.75 -11.19 3.44
C LEU B 183 7.84 -10.79 2.44
N ASN B 184 8.98 -11.49 2.52
CA ASN B 184 10.08 -11.22 1.60
C ASN B 184 9.57 -11.39 0.18
N GLY B 185 8.82 -12.47 -0.03
CA GLY B 185 8.28 -12.74 -1.35
C GLY B 185 7.55 -11.55 -1.95
N LEU B 186 7.01 -10.70 -1.09
CA LEU B 186 6.29 -9.51 -1.53
C LEU B 186 7.17 -8.23 -1.48
N GLY B 187 8.44 -8.41 -1.17
CA GLY B 187 9.34 -7.26 -1.17
C GLY B 187 9.47 -6.53 0.14
N ILE B 188 8.85 -7.06 1.18
CA ILE B 188 8.91 -6.43 2.49
C ILE B 188 9.75 -7.27 3.42
N ASP B 189 10.50 -6.63 4.31
CA ASP B 189 11.32 -7.36 5.26
C ASP B 189 11.67 -6.56 6.49
N TYR B 190 11.99 -7.27 7.58
CA TYR B 190 12.37 -6.62 8.83
C TYR B 190 13.66 -7.27 9.30
N PRO B 191 14.48 -6.53 10.04
CA PRO B 191 15.70 -7.17 10.50
C PRO B 191 15.27 -8.30 11.41
N SER B 192 14.17 -8.07 12.11
CA SER B 192 13.64 -9.07 13.02
C SER B 192 12.13 -8.90 13.12
N ILE B 193 11.38 -9.99 13.02
CA ILE B 193 9.91 -9.87 13.09
C ILE B 193 9.36 -10.31 14.45
N HIS B 194 8.34 -9.60 14.93
CA HIS B 194 7.74 -9.94 16.23
C HIS B 194 6.24 -9.99 16.10
N TYR B 195 5.57 -10.45 17.15
CA TYR B 195 4.12 -10.57 17.10
C TYR B 195 3.39 -9.26 16.90
N SER B 196 3.97 -8.16 17.33
CA SER B 196 3.31 -6.88 17.13
C SER B 196 3.22 -6.63 15.62
N ASN B 197 4.18 -7.15 14.87
CA ASN B 197 4.18 -6.96 13.43
C ASN B 197 2.97 -7.55 12.73
N ALA B 198 2.10 -8.21 13.49
CA ALA B 198 0.90 -8.78 12.89
C ALA B 198 -0.07 -7.66 12.55
N ILE B 199 0.12 -6.51 13.18
CA ILE B 199 -0.75 -5.36 12.95
C ILE B 199 0.04 -4.05 12.90
N SER B 200 1.32 -4.11 12.59
CA SER B 200 2.13 -2.91 12.54
C SER B 200 3.43 -3.14 11.75
N SER B 201 3.82 -2.16 10.95
CA SER B 201 5.03 -2.31 10.15
C SER B 201 6.16 -1.66 10.90
N ASN B 202 5.87 -1.27 12.14
CA ASN B 202 6.88 -0.62 12.96
C ASN B 202 8.02 -1.61 13.14
N THR B 203 9.25 -1.18 12.89
CA THR B 203 10.38 -2.09 13.02
C THR B 203 11.60 -1.47 13.68
N THR B 204 12.35 -2.32 14.37
CA THR B 204 13.57 -1.92 15.08
C THR B 204 14.55 -1.16 14.17
N GLU B 205 14.81 -1.74 13.00
CA GLU B 205 15.71 -1.09 12.06
C GLU B 205 14.93 -0.06 11.27
N SER B 206 15.60 0.64 10.35
CA SER B 206 14.93 1.64 9.55
C SER B 206 15.69 2.00 8.28
N ASP B 207 16.21 1.00 7.59
CA ASP B 207 16.92 1.26 6.34
C ASP B 207 15.83 1.73 5.40
N LYS B 208 15.58 0.95 4.35
CA LYS B 208 14.52 1.24 3.40
C LYS B 208 14.02 -0.13 3.06
N LYS B 209 14.93 -1.10 3.13
CA LYS B 209 14.61 -2.49 2.84
C LYS B 209 13.72 -3.05 3.96
N TYR B 210 13.67 -2.32 5.07
CA TYR B 210 12.87 -2.72 6.22
C TYR B 210 11.69 -1.79 6.36
N GLY B 211 10.50 -2.36 6.57
CA GLY B 211 9.33 -1.52 6.71
C GLY B 211 8.40 -1.56 5.54
N ALA B 212 7.45 -0.63 5.51
CA ALA B 212 6.48 -0.53 4.44
C ALA B 212 6.36 0.94 4.04
N SER B 213 6.16 1.17 2.75
CA SER B 213 6.00 2.52 2.23
C SER B 213 4.94 2.42 1.17
N SER B 214 4.29 3.53 0.84
CA SER B 214 3.25 3.51 -0.20
C SER B 214 3.77 2.77 -1.43
N GLU B 215 5.07 2.85 -1.67
CA GLU B 215 5.62 2.17 -2.82
C GLU B 215 5.51 0.67 -2.62
N LYS B 216 6.16 0.18 -1.57
CA LYS B 216 6.15 -1.24 -1.27
C LYS B 216 4.76 -1.84 -1.12
N MET B 217 3.88 -1.15 -0.41
CA MET B 217 2.54 -1.65 -0.21
C MET B 217 1.79 -1.86 -1.52
N ALA B 218 1.71 -0.81 -2.33
CA ALA B 218 1.04 -0.91 -3.62
C ALA B 218 1.63 -2.02 -4.50
N ALA B 219 2.92 -2.34 -4.33
CA ALA B 219 3.51 -3.41 -5.13
C ALA B 219 3.22 -4.76 -4.50
N ALA B 220 3.02 -4.77 -3.19
CA ALA B 220 2.71 -6.02 -2.51
C ALA B 220 1.27 -6.37 -2.87
N TYR B 221 0.35 -5.44 -2.64
CA TYR B 221 -1.05 -5.69 -2.94
C TYR B 221 -1.33 -5.96 -4.41
N ALA B 222 -0.41 -5.52 -5.26
CA ALA B 222 -0.56 -5.76 -6.69
C ALA B 222 -0.51 -7.27 -6.93
N ALA B 223 0.26 -7.98 -6.11
CA ALA B 223 0.38 -9.44 -6.26
C ALA B 223 -0.97 -10.14 -6.08
N PHE B 224 -1.84 -9.59 -5.23
CA PHE B 224 -3.15 -10.19 -5.05
C PHE B 224 -3.85 -10.02 -6.39
N ALA B 225 -3.96 -8.76 -6.80
CA ALA B 225 -4.59 -8.40 -8.06
C ALA B 225 -4.07 -9.23 -9.26
N ASN B 226 -2.79 -9.14 -9.56
CA ASN B 226 -2.22 -9.86 -10.70
C ASN B 226 -2.24 -11.37 -10.55
N GLY B 227 -2.86 -11.88 -9.51
CA GLY B 227 -2.93 -13.33 -9.35
C GLY B 227 -1.92 -14.04 -8.46
N GLY B 228 -0.94 -13.33 -7.91
CA GLY B 228 0.05 -13.96 -7.05
C GLY B 228 1.50 -13.71 -7.43
N THR B 229 1.71 -12.81 -8.38
CA THR B 229 3.05 -12.48 -8.85
C THR B 229 3.58 -11.17 -8.25
N TYR B 230 4.78 -11.19 -7.69
CA TYR B 230 5.36 -9.97 -7.13
C TYR B 230 6.24 -9.22 -8.15
N TYR B 231 5.81 -8.03 -8.54
CA TYR B 231 6.59 -7.24 -9.50
C TYR B 231 7.39 -6.11 -8.85
N LYS B 232 8.71 -6.14 -9.00
CA LYS B 232 9.57 -5.07 -8.47
C LYS B 232 9.02 -3.73 -8.99
N PRO B 233 8.95 -2.71 -8.13
CA PRO B 233 8.42 -1.41 -8.58
C PRO B 233 9.36 -0.79 -9.61
N MET B 234 8.83 -0.40 -10.77
CA MET B 234 9.66 0.19 -11.81
C MET B 234 9.22 1.58 -12.22
N TYR B 235 10.18 2.50 -12.32
CA TYR B 235 9.92 3.88 -12.70
C TYR B 235 10.49 4.19 -14.07
N ILE B 236 11.57 3.51 -14.45
CA ILE B 236 12.21 3.75 -15.75
C ILE B 236 12.00 2.62 -16.75
N HIS B 237 11.77 3.04 -17.99
CA HIS B 237 11.54 2.15 -19.12
C HIS B 237 12.86 1.87 -19.84
N LYS B 238 13.45 2.92 -20.40
CA LYS B 238 14.70 2.82 -21.15
C LYS B 238 15.56 4.07 -21.02
N VAL B 239 16.87 3.88 -21.17
CA VAL B 239 17.84 4.98 -21.10
C VAL B 239 18.81 4.94 -22.26
N VAL B 240 18.66 5.88 -23.18
CA VAL B 240 19.54 5.96 -24.35
C VAL B 240 20.78 6.78 -23.96
N PHE B 241 21.95 6.20 -24.25
CA PHE B 241 23.22 6.86 -23.94
C PHE B 241 23.54 7.94 -24.96
N SER B 242 24.41 8.87 -24.60
CA SER B 242 24.81 9.93 -25.51
C SER B 242 25.63 9.33 -26.64
N ASP B 243 26.40 8.30 -26.30
CA ASP B 243 27.25 7.62 -27.26
C ASP B 243 26.51 6.59 -28.13
N GLY B 244 25.19 6.78 -28.29
CA GLY B 244 24.42 5.88 -29.14
C GLY B 244 23.77 4.62 -28.57
N SER B 245 24.39 3.99 -27.58
CA SER B 245 23.85 2.77 -26.98
C SER B 245 22.59 2.98 -26.14
N GLU B 246 21.84 1.91 -25.90
CA GLU B 246 20.63 1.97 -25.11
C GLU B 246 20.58 0.82 -24.12
N LYS B 247 19.89 1.04 -23.02
CA LYS B 247 19.72 0.00 -21.99
C LYS B 247 18.23 -0.08 -21.67
N GLU B 248 17.63 -1.23 -22.00
CA GLU B 248 16.21 -1.49 -21.77
C GLU B 248 16.03 -2.13 -20.40
N PHE B 249 15.02 -1.70 -19.67
CA PHE B 249 14.78 -2.24 -18.34
C PHE B 249 13.58 -3.18 -18.27
N SER B 250 13.89 -4.44 -17.99
CA SER B 250 12.88 -5.50 -17.90
C SER B 250 12.73 -6.04 -16.47
N ASN B 251 11.47 -6.24 -16.06
CA ASN B 251 11.16 -6.76 -14.74
C ASN B 251 10.43 -8.09 -14.89
N VAL B 252 10.88 -9.10 -14.15
CA VAL B 252 10.26 -10.43 -14.21
C VAL B 252 9.71 -10.88 -12.86
N GLY B 253 8.39 -10.87 -12.72
CA GLY B 253 7.75 -11.26 -11.49
C GLY B 253 8.06 -12.65 -10.94
N THR B 254 7.68 -12.86 -9.68
CA THR B 254 7.89 -14.14 -9.01
C THR B 254 6.62 -14.60 -8.28
N ARG B 255 6.42 -15.90 -8.19
CA ARG B 255 5.26 -16.45 -7.52
C ARG B 255 5.43 -16.11 -6.05
N ALA B 256 4.53 -15.29 -5.51
CA ALA B 256 4.59 -14.92 -4.11
C ALA B 256 3.65 -15.83 -3.33
N MET B 257 2.51 -16.14 -3.94
CA MET B 257 1.51 -17.00 -3.31
C MET B 257 0.76 -17.78 -4.40
N LYS B 258 0.06 -18.84 -4.02
CA LYS B 258 -0.71 -19.61 -5.00
C LYS B 258 -1.89 -18.74 -5.46
N GLU B 259 -2.45 -19.04 -6.64
CA GLU B 259 -3.60 -18.26 -7.12
C GLU B 259 -4.77 -18.35 -6.14
N THR B 260 -4.94 -19.54 -5.57
CA THR B 260 -6.01 -19.79 -4.62
C THR B 260 -5.97 -18.72 -3.53
N THR B 261 -4.82 -18.57 -2.88
CA THR B 261 -4.63 -17.59 -1.82
C THR B 261 -5.01 -16.19 -2.31
N ALA B 262 -4.48 -15.83 -3.48
CA ALA B 262 -4.76 -14.52 -4.06
C ALA B 262 -6.27 -14.31 -4.22
N TYR B 263 -6.93 -15.27 -4.84
CA TYR B 263 -8.36 -15.17 -5.05
C TYR B 263 -9.10 -14.99 -3.73
N MET B 264 -8.72 -15.82 -2.76
CA MET B 264 -9.36 -15.80 -1.44
C MET B 264 -9.19 -14.49 -0.69
N MET B 265 -7.97 -13.95 -0.72
CA MET B 265 -7.70 -12.68 -0.05
C MET B 265 -8.52 -11.57 -0.72
N THR B 266 -8.60 -11.68 -2.04
CA THR B 266 -9.34 -10.72 -2.84
C THR B 266 -10.83 -10.76 -2.50
N ASP B 267 -11.36 -11.95 -2.30
CA ASP B 267 -12.78 -12.06 -1.99
C ASP B 267 -13.09 -11.50 -0.61
N MET B 268 -12.27 -11.84 0.37
CA MET B 268 -12.52 -11.31 1.70
C MET B 268 -12.34 -9.80 1.67
N MET B 269 -11.38 -9.33 0.88
CA MET B 269 -11.15 -7.89 0.84
C MET B 269 -12.17 -7.08 0.03
N LYS B 270 -12.94 -7.74 -0.83
CA LYS B 270 -13.96 -7.02 -1.58
C LYS B 270 -15.04 -6.62 -0.58
N THR B 271 -15.18 -7.44 0.47
CA THR B 271 -16.18 -7.20 1.51
C THR B 271 -15.79 -6.03 2.42
N VAL B 272 -14.50 -5.75 2.48
CA VAL B 272 -14.04 -4.64 3.31
C VAL B 272 -14.74 -3.37 2.83
N LEU B 273 -14.79 -3.16 1.53
CA LEU B 273 -15.43 -1.95 0.98
C LEU B 273 -16.95 -1.91 1.13
N THR B 274 -17.60 -3.06 0.96
CA THR B 274 -19.05 -3.16 1.05
C THR B 274 -19.57 -2.90 2.47
N TYR B 275 -19.74 -3.96 3.26
CA TYR B 275 -20.22 -3.81 4.63
C TYR B 275 -19.06 -3.73 5.62
N GLY B 276 -17.85 -3.63 5.08
CA GLY B 276 -16.67 -3.55 5.95
C GLY B 276 -16.24 -2.16 6.38
N THR B 277 -14.95 -2.04 6.67
CA THR B 277 -14.36 -0.79 7.13
C THR B 277 -14.01 0.18 6.02
N GLY B 278 -13.86 -0.33 4.80
CA GLY B 278 -13.50 0.53 3.69
C GLY B 278 -14.67 1.05 2.87
N ARG B 279 -15.76 1.38 3.53
CA ARG B 279 -16.96 1.88 2.86
C ARG B 279 -16.79 3.21 2.13
N ASN B 280 -15.98 4.11 2.69
CA ASN B 280 -15.74 5.43 2.08
C ASN B 280 -14.91 5.40 0.80
N ALA B 281 -14.45 4.22 0.40
CA ALA B 281 -13.66 4.07 -0.81
C ALA B 281 -14.37 3.08 -1.73
N TYR B 282 -15.68 2.93 -1.52
CA TYR B 282 -16.50 2.01 -2.29
C TYR B 282 -17.15 2.57 -3.55
N LEU B 283 -17.08 1.78 -4.62
CA LEU B 283 -17.65 2.13 -5.91
C LEU B 283 -18.45 0.95 -6.47
N ALA B 284 -19.77 1.13 -6.57
CA ALA B 284 -20.68 0.08 -7.04
C ALA B 284 -20.34 -0.47 -8.42
N TRP B 285 -19.87 0.40 -9.31
CA TRP B 285 -19.55 -0.04 -10.66
C TRP B 285 -18.15 -0.63 -10.83
N LEU B 286 -17.27 -0.36 -9.87
CA LEU B 286 -15.90 -0.82 -9.96
C LEU B 286 -15.54 -2.05 -9.12
N PRO B 287 -15.31 -3.19 -9.77
CA PRO B 287 -14.94 -4.41 -9.04
C PRO B 287 -13.49 -4.34 -8.55
N GLN B 288 -13.32 -3.72 -7.38
CA GLN B 288 -12.02 -3.56 -6.73
C GLN B 288 -12.03 -4.31 -5.39
N ALA B 289 -10.92 -4.25 -4.66
CA ALA B 289 -10.80 -4.91 -3.36
C ALA B 289 -9.71 -4.18 -2.59
N GLY B 290 -9.93 -3.92 -1.30
CA GLY B 290 -8.91 -3.23 -0.53
C GLY B 290 -8.92 -3.53 0.96
N LYS B 291 -8.11 -2.78 1.70
CA LYS B 291 -8.01 -2.92 3.15
C LYS B 291 -7.70 -1.55 3.75
N THR B 292 -8.38 -1.23 4.83
CA THR B 292 -8.15 0.05 5.48
C THR B 292 -7.17 -0.23 6.58
N GLY B 293 -6.45 0.78 7.02
CA GLY B 293 -5.51 0.57 8.09
C GLY B 293 -5.36 1.77 8.99
N THR B 294 -5.03 1.53 10.25
CA THR B 294 -4.82 2.60 11.20
C THR B 294 -3.70 2.19 12.13
N SER B 295 -2.84 3.13 12.50
CA SER B 295 -1.75 2.82 13.41
C SER B 295 -2.17 3.40 14.78
N ASN B 296 -1.35 3.24 15.81
CA ASN B 296 -1.73 3.84 17.09
C ASN B 296 -0.59 4.41 17.88
N TYR B 297 -0.94 5.12 18.95
CA TYR B 297 0.05 5.75 19.80
C TYR B 297 0.61 4.80 20.85
N THR B 298 1.77 5.16 21.38
CA THR B 298 2.46 4.33 22.35
C THR B 298 1.64 4.12 23.59
N ASP B 299 1.51 5.18 24.36
CA ASP B 299 0.81 5.16 25.64
C ASP B 299 1.44 6.33 26.38
N GLU B 300 2.71 6.52 26.13
CA GLU B 300 3.45 7.63 26.71
C GLU B 300 2.94 8.78 25.86
N GLU B 301 2.67 8.47 24.59
CA GLU B 301 2.16 9.47 23.65
C GLU B 301 0.74 9.86 24.01
N ILE B 302 -0.03 8.89 24.48
CA ILE B 302 -1.41 9.11 24.86
C ILE B 302 -1.49 9.96 26.11
N GLU B 303 -0.71 9.58 27.12
CA GLU B 303 -0.69 10.27 28.40
C GLU B 303 0.13 11.54 28.46
N ASN B 304 0.68 12.00 27.34
CA ASN B 304 1.52 13.19 27.38
C ASN B 304 1.40 14.08 26.17
N HIS B 305 0.77 13.59 25.10
CA HIS B 305 0.70 14.40 23.89
C HIS B 305 -0.67 14.40 23.24
N ILE B 306 -1.60 13.62 23.76
CA ILE B 306 -2.93 13.61 23.19
C ILE B 306 -3.94 14.28 24.12
N LYS B 307 -4.61 15.28 23.54
CA LYS B 307 -5.62 16.07 24.25
C LYS B 307 -7.01 15.44 24.21
N THR B 308 -7.68 15.55 23.07
CA THR B 308 -9.03 15.02 22.93
C THR B 308 -9.17 13.57 23.39
N SER B 309 -10.37 13.25 23.88
CA SER B 309 -10.69 11.91 24.33
C SER B 309 -11.41 11.29 23.15
N GLN B 310 -11.21 11.89 21.98
CA GLN B 310 -11.80 11.40 20.74
C GLN B 310 -10.98 10.24 20.21
N PHE B 311 -11.44 9.68 19.09
CA PHE B 311 -10.69 8.59 18.47
C PHE B 311 -9.60 9.29 17.68
N VAL B 312 -8.36 8.96 17.99
CA VAL B 312 -7.23 9.59 17.35
C VAL B 312 -6.30 8.55 16.69
N ALA B 313 -5.40 8.97 15.81
CA ALA B 313 -4.48 8.03 15.18
C ALA B 313 -3.39 8.74 14.39
N PRO B 314 -2.11 8.37 14.62
CA PRO B 314 -0.98 8.98 13.91
C PRO B 314 -0.88 8.65 12.41
N ASP B 315 -1.64 7.67 11.96
CA ASP B 315 -1.62 7.29 10.55
C ASP B 315 -2.90 6.61 10.13
N GLU B 316 -3.39 6.98 8.95
CA GLU B 316 -4.58 6.39 8.38
C GLU B 316 -4.11 5.93 7.02
N LEU B 317 -4.42 4.69 6.67
CA LEU B 317 -3.97 4.18 5.39
C LEU B 317 -5.06 3.48 4.63
N PHE B 318 -4.75 3.21 3.36
CA PHE B 318 -5.63 2.48 2.47
C PHE B 318 -4.77 1.91 1.37
N ALA B 319 -4.98 0.63 1.06
CA ALA B 319 -4.21 -0.01 -0.01
C ALA B 319 -5.19 -0.83 -0.83
N GLY B 320 -5.90 -0.14 -1.73
CA GLY B 320 -6.87 -0.80 -2.56
C GLY B 320 -6.31 -1.11 -3.93
N TYR B 321 -7.01 -1.97 -4.66
CA TYR B 321 -6.55 -2.32 -5.99
C TYR B 321 -7.68 -2.84 -6.86
N THR B 322 -7.46 -2.74 -8.17
CA THR B 322 -8.44 -3.22 -9.13
C THR B 322 -7.77 -4.29 -9.97
N ARG B 323 -8.44 -4.64 -11.06
CA ARG B 323 -7.95 -5.67 -11.95
C ARG B 323 -6.77 -5.12 -12.76
N LYS B 324 -6.54 -3.80 -12.66
CA LYS B 324 -5.46 -3.14 -13.41
C LYS B 324 -4.43 -2.35 -12.58
N TYR B 325 -4.91 -1.50 -11.69
CA TYR B 325 -4.01 -0.67 -10.89
C TYR B 325 -4.11 -0.81 -9.38
N SER B 326 -2.97 -1.12 -8.77
CA SER B 326 -2.86 -1.27 -7.32
C SER B 326 -2.48 0.10 -6.74
N MET B 327 -3.12 0.51 -5.65
CA MET B 327 -2.81 1.82 -5.09
C MET B 327 -2.77 1.87 -3.54
N ALA B 328 -1.63 2.32 -3.02
CA ALA B 328 -1.43 2.43 -1.58
C ALA B 328 -1.37 3.90 -1.18
N VAL B 329 -2.20 4.29 -0.24
CA VAL B 329 -2.26 5.68 0.23
C VAL B 329 -1.93 5.86 1.71
N TRP B 330 -1.09 6.85 2.03
CA TRP B 330 -0.76 7.13 3.41
C TRP B 330 -1.27 8.52 3.78
N THR B 331 -1.75 8.70 5.00
CA THR B 331 -2.18 10.01 5.40
C THR B 331 -1.84 10.25 6.88
N GLY B 332 -1.33 11.44 7.19
CA GLY B 332 -0.98 11.79 8.56
C GLY B 332 -0.30 13.14 8.52
N TYR B 333 0.05 13.68 9.69
CA TYR B 333 0.73 14.98 9.72
C TYR B 333 2.23 14.75 9.74
N SER B 334 2.98 15.76 9.34
CA SER B 334 4.43 15.65 9.31
C SER B 334 4.94 15.17 10.64
N ASN B 335 4.31 15.61 11.72
CA ASN B 335 4.69 15.17 13.06
C ASN B 335 3.59 14.28 13.60
N ARG B 336 3.90 12.99 13.76
CA ARG B 336 2.94 12.00 14.24
C ARG B 336 2.24 12.39 15.52
N LEU B 337 2.80 13.32 16.28
CA LEU B 337 2.16 13.74 17.52
C LEU B 337 0.91 14.62 17.28
N THR B 338 0.78 15.14 16.06
CA THR B 338 -0.41 15.91 15.69
C THR B 338 -1.33 14.81 15.15
N PRO B 339 -2.43 14.54 15.84
CA PRO B 339 -3.41 13.50 15.46
C PRO B 339 -4.30 13.78 14.28
N LEU B 340 -4.97 12.73 13.81
CA LEU B 340 -5.95 12.81 12.71
C LEU B 340 -7.24 12.57 13.49
N VAL B 341 -8.27 13.37 13.23
CA VAL B 341 -9.54 13.21 13.94
C VAL B 341 -10.70 13.37 12.96
N GLY B 342 -11.89 13.05 13.43
CA GLY B 342 -13.08 13.18 12.61
C GLY B 342 -12.91 13.03 11.11
N ASN B 343 -13.18 14.12 10.39
CA ASN B 343 -13.10 14.12 8.93
C ASN B 343 -11.69 13.96 8.35
N GLY B 344 -10.69 13.95 9.21
CA GLY B 344 -9.32 13.78 8.75
C GLY B 344 -9.00 12.31 8.51
N LEU B 345 -9.66 11.43 9.27
CA LEU B 345 -9.46 9.98 9.15
C LEU B 345 -10.06 9.42 7.87
N THR B 346 -10.96 10.17 7.25
CA THR B 346 -11.62 9.74 6.03
C THR B 346 -10.88 10.05 4.74
N VAL B 347 -9.90 10.94 4.79
CA VAL B 347 -9.14 11.32 3.60
C VAL B 347 -8.44 10.18 2.85
N ALA B 348 -7.95 9.19 3.58
CA ALA B 348 -7.23 8.08 2.92
C ALA B 348 -8.10 7.31 1.93
N ALA B 349 -9.34 7.06 2.32
CA ALA B 349 -10.29 6.34 1.48
C ALA B 349 -10.67 7.20 0.28
N LYS B 350 -11.22 8.39 0.54
CA LYS B 350 -11.63 9.31 -0.51
C LYS B 350 -10.54 9.49 -1.57
N VAL B 351 -9.37 10.00 -1.18
CA VAL B 351 -8.25 10.19 -2.12
C VAL B 351 -8.17 8.94 -3.01
N TYR B 352 -8.29 7.77 -2.38
CA TYR B 352 -8.25 6.50 -3.11
C TYR B 352 -9.46 6.33 -4.03
N ARG B 353 -10.64 6.61 -3.49
CA ARG B 353 -11.87 6.51 -4.28
C ARG B 353 -11.66 7.44 -5.47
N SER B 354 -11.48 8.72 -5.16
CA SER B 354 -11.27 9.75 -6.18
C SER B 354 -10.31 9.27 -7.27
N MET B 355 -9.03 9.12 -6.93
CA MET B 355 -8.05 8.67 -7.89
C MET B 355 -8.46 7.41 -8.66
N MET B 356 -8.88 6.38 -7.94
CA MET B 356 -9.25 5.13 -8.60
C MET B 356 -10.45 5.30 -9.55
N THR B 357 -11.30 6.28 -9.25
CA THR B 357 -12.43 6.55 -10.13
C THR B 357 -11.78 6.91 -11.46
N TYR B 358 -11.14 8.08 -11.49
CA TYR B 358 -10.44 8.56 -12.67
C TYR B 358 -9.71 7.44 -13.42
N LEU B 359 -8.91 6.67 -12.70
CA LEU B 359 -8.13 5.58 -13.29
C LEU B 359 -8.94 4.44 -13.91
N SER B 360 -10.23 4.36 -13.60
CA SER B 360 -11.09 3.30 -14.12
C SER B 360 -12.41 3.76 -14.73
N GLU B 361 -12.63 5.07 -14.78
CA GLU B 361 -13.88 5.63 -15.32
C GLU B 361 -14.10 5.14 -16.75
N GLY B 362 -13.01 4.76 -17.41
CA GLY B 362 -13.12 4.26 -18.76
C GLY B 362 -12.82 2.77 -18.77
N SER B 363 -11.54 2.45 -18.96
CA SER B 363 -11.08 1.06 -18.99
C SER B 363 -12.14 0.07 -19.48
N ASN B 364 -12.72 -0.69 -18.55
CA ASN B 364 -13.74 -1.70 -18.81
C ASN B 364 -13.81 -2.58 -17.58
N PRO B 365 -14.06 -1.97 -16.40
CA PRO B 365 -14.14 -2.65 -15.11
C PRO B 365 -14.39 -4.17 -15.13
N GLU B 366 -13.33 -4.96 -14.99
CA GLU B 366 -13.43 -6.42 -14.98
C GLU B 366 -13.41 -7.01 -13.55
N ASP B 367 -13.90 -8.23 -13.40
CA ASP B 367 -13.90 -8.88 -12.10
C ASP B 367 -12.93 -10.04 -12.16
N TRP B 368 -12.79 -10.75 -11.05
CA TRP B 368 -11.87 -11.90 -10.92
C TRP B 368 -12.57 -13.23 -11.19
N ASN B 369 -11.80 -14.24 -11.60
CA ASN B 369 -12.37 -15.54 -11.90
C ASN B 369 -11.90 -16.63 -10.95
N ILE B 370 -12.80 -17.11 -10.08
CA ILE B 370 -12.45 -18.15 -9.11
C ILE B 370 -11.64 -19.27 -9.75
N PRO B 371 -10.36 -19.38 -9.37
CA PRO B 371 -9.39 -20.37 -9.86
C PRO B 371 -9.72 -21.83 -9.55
N GLU B 372 -9.23 -22.73 -10.39
CA GLU B 372 -9.47 -24.16 -10.20
C GLU B 372 -8.76 -24.64 -8.95
N GLY B 373 -9.54 -25.11 -7.97
CA GLY B 373 -9.00 -25.59 -6.72
C GLY B 373 -9.85 -25.00 -5.60
N LEU B 374 -10.80 -24.18 -6.00
CA LEU B 374 -11.69 -23.55 -5.06
C LEU B 374 -13.12 -23.71 -5.55
N TYR B 375 -14.07 -23.41 -4.68
CA TYR B 375 -15.46 -23.49 -5.04
C TYR B 375 -16.23 -22.60 -4.08
N ARG B 376 -17.18 -21.85 -4.63
CA ARG B 376 -17.99 -20.94 -3.84
C ARG B 376 -18.92 -21.73 -2.93
N ASN B 377 -19.65 -21.01 -2.10
CA ASN B 377 -20.60 -21.58 -1.16
C ASN B 377 -21.13 -20.38 -0.42
N GLY B 378 -22.01 -19.65 -1.07
CA GLY B 378 -22.57 -18.45 -0.47
C GLY B 378 -21.44 -17.49 -0.22
N GLU B 379 -21.66 -16.51 0.64
CA GLU B 379 -20.66 -15.51 0.97
C GLU B 379 -19.20 -15.99 0.96
N PHE B 380 -18.98 -17.26 1.26
CA PHE B 380 -17.61 -17.74 1.36
C PHE B 380 -17.05 -18.60 0.22
N VAL B 381 -15.77 -18.93 0.35
CA VAL B 381 -15.06 -19.73 -0.64
C VAL B 381 -14.31 -20.85 0.06
N PHE B 382 -14.34 -22.05 -0.54
CA PHE B 382 -13.69 -23.19 0.05
C PHE B 382 -12.72 -23.88 -0.87
N LYS B 383 -11.81 -24.64 -0.27
CA LYS B 383 -10.80 -25.38 -1.02
C LYS B 383 -11.28 -26.79 -1.29
N ASN B 384 -10.90 -27.32 -2.44
CA ASN B 384 -11.28 -28.68 -2.85
C ASN B 384 -10.52 -29.69 -2.01
ZN ZN C . -7.56 16.06 -13.71
ZN ZN D . -7.99 -19.25 19.50
ZN ZN E . 10.09 -10.53 19.79
CL CL F . -8.76 -0.29 10.39
CL CL G . 7.93 -20.76 11.68
CL CL H . 4.43 -22.74 13.69
CL CL I . 20.23 12.03 -28.11
#